data_6C25
#
_entry.id   6C25
#
_cell.length_a   68.810
_cell.length_b   90.260
_cell.length_c   60.010
_cell.angle_alpha   90.000
_cell.angle_beta   90.000
_cell.angle_gamma   90.000
#
_symmetry.space_group_name_H-M   'P 21 21 2'
#
loop_
_entity.id
_entity.type
_entity.pdbx_description
1 polymer 'Adenylosuccinate synthetase'
2 non-polymer "GUANOSINE-5'-DIPHOSPHATE"
3 non-polymer 'MAGNESIUM ION'
4 non-polymer 'CHLORIDE ION'
5 water water
#
_entity_poly.entity_id   1
_entity_poly.type   'polypeptide(L)'
_entity_poly.pdbx_seq_one_letter_code
;MAHHHHHHMGKNVVVLGTQWGDEGKGKIVDLLTQDAQVVVRYQGGHNAGHTLKINGVKTVLRLIPSGMLRPNVTCYIANG
VVLSPQALLSEIKELEGNGINVRERLRISLACPLILPYHIALDKARETHMGKSAIGTTGRGIGPAYEDKVARRALRVGDL
FHRDRFANKLTELLDYHNFVLTQYFKQPAVDLESLLGESLQWAEELRPMVCDVSACLHEHRKQGENILFEGAQGVYLDID
HGTYPYVTSSNTCVGSVINGAGFGPRYIDYVLGITKAYTTRVGGGPFPTELLDDVGKRIAERGQEFGAVTGRPRRCGWFD
AVLLKRSIELNSISGLCVTKLDVLDGLEVLRIAVAYKDRDGNILSRPPLAADDFNDLLPVYEELPGWQESTADVTVMSDL
PANARAYLKRIEEILGIPIDMLSTGPERDSTITLRGPFL
;
_entity_poly.pdbx_strand_id   A
#
# COMPACT_ATOMS: atom_id res chain seq x y z
N MET A 9 -5.41 14.26 23.69
CA MET A 9 -5.67 14.16 22.25
C MET A 9 -4.67 13.24 21.55
N GLY A 10 -5.16 12.41 20.64
CA GLY A 10 -4.34 11.44 19.95
C GLY A 10 -3.69 12.04 18.73
N LYS A 11 -2.96 11.18 18.01
CA LYS A 11 -2.32 11.55 16.76
C LYS A 11 -2.80 10.65 15.65
N ASN A 12 -2.94 11.24 14.47
CA ASN A 12 -3.42 10.56 13.28
C ASN A 12 -2.28 10.48 12.26
N VAL A 13 -1.90 9.24 11.93
CA VAL A 13 -0.69 8.95 11.17
C VAL A 13 -1.08 8.21 9.90
N VAL A 14 -0.54 8.64 8.76
CA VAL A 14 -0.70 7.91 7.49
C VAL A 14 0.65 7.28 7.17
N VAL A 15 0.62 6.01 6.77
CA VAL A 15 1.83 5.26 6.40
C VAL A 15 1.69 4.83 4.96
N LEU A 16 2.69 5.15 4.12
CA LEU A 16 2.62 4.73 2.72
C LEU A 16 4.03 4.48 2.22
N GLY A 17 4.11 3.72 1.12
CA GLY A 17 5.40 3.54 0.43
C GLY A 17 5.68 4.69 -0.53
N THR A 18 6.97 4.99 -0.73
CA THR A 18 7.35 6.16 -1.50
C THR A 18 7.90 5.86 -2.88
N GLN A 19 8.03 4.58 -3.24
CA GLN A 19 8.75 4.23 -4.46
C GLN A 19 7.78 3.49 -5.37
N TRP A 20 8.11 2.29 -5.83
CA TRP A 20 7.28 1.57 -6.77
C TRP A 20 6.82 0.26 -6.15
N GLY A 21 6.57 0.28 -4.84
CA GLY A 21 6.15 -0.89 -4.10
C GLY A 21 7.33 -1.69 -3.54
N ASP A 22 6.98 -2.69 -2.73
CA ASP A 22 7.97 -3.58 -2.15
C ASP A 22 8.92 -2.86 -1.20
N GLU A 23 8.49 -1.76 -0.58
CA GLU A 23 9.40 -0.96 0.23
C GLU A 23 9.60 -1.53 1.62
N GLY A 24 8.89 -2.59 2.00
CA GLY A 24 9.05 -3.18 3.33
C GLY A 24 8.08 -2.63 4.33
N LYS A 25 6.90 -2.20 3.88
CA LYS A 25 5.94 -1.49 4.72
C LYS A 25 5.29 -2.41 5.75
N GLY A 26 5.17 -3.71 5.46
CA GLY A 26 4.37 -4.59 6.30
C GLY A 26 4.83 -4.62 7.76
N LYS A 27 6.11 -4.86 7.97
CA LYS A 27 6.56 -4.99 9.35
C LYS A 27 6.60 -3.65 10.06
N ILE A 28 6.68 -2.55 9.31
CA ILE A 28 6.65 -1.24 9.93
C ILE A 28 5.24 -0.91 10.40
N VAL A 29 4.24 -1.23 9.59
CA VAL A 29 2.86 -1.06 10.03
C VAL A 29 2.58 -1.92 11.27
N ASP A 30 3.02 -3.18 11.23
CA ASP A 30 2.82 -4.07 12.37
C ASP A 30 3.41 -3.47 13.64
N LEU A 31 4.62 -2.92 13.52
CA LEU A 31 5.27 -2.28 14.67
C LEU A 31 4.46 -1.07 15.14
N LEU A 32 4.04 -0.21 14.20
CA LEU A 32 3.29 0.97 14.57
C LEU A 32 1.96 0.63 15.23
N THR A 33 1.38 -0.54 14.94
CA THR A 33 0.09 -0.85 15.57
C THR A 33 0.22 -1.01 17.07
N GLN A 34 1.43 -1.21 17.59
CA GLN A 34 1.57 -1.24 19.05
C GLN A 34 1.15 0.07 19.70
N ASP A 35 1.19 1.17 18.94
CA ASP A 35 0.84 2.49 19.46
C ASP A 35 -0.53 2.96 19.00
N ALA A 36 -1.17 2.25 18.08
CA ALA A 36 -2.46 2.69 17.57
C ALA A 36 -3.57 1.97 18.32
N GLN A 37 -4.66 2.67 18.60
CA GLN A 37 -5.88 2.00 19.03
C GLN A 37 -6.81 1.69 17.86
N VAL A 38 -6.56 2.28 16.71
CA VAL A 38 -7.44 2.20 15.56
C VAL A 38 -6.58 2.07 14.30
N VAL A 39 -6.92 1.16 13.41
CA VAL A 39 -6.21 1.03 12.14
C VAL A 39 -7.25 1.04 11.02
N VAL A 40 -6.95 1.79 9.96
CA VAL A 40 -7.92 2.08 8.90
C VAL A 40 -7.31 1.76 7.55
N ARG A 41 -7.99 0.92 6.77
CA ARG A 41 -7.75 0.78 5.34
CA ARG A 41 -7.76 0.77 5.33
C ARG A 41 -8.70 1.70 4.59
N TYR A 42 -8.16 2.55 3.71
CA TYR A 42 -9.00 3.57 3.11
C TYR A 42 -8.91 3.61 1.60
N GLN A 43 -8.07 2.78 0.99
CA GLN A 43 -7.90 2.79 -0.46
C GLN A 43 -7.64 1.38 -0.94
N GLY A 44 -7.90 1.15 -2.21
CA GLY A 44 -7.43 -0.07 -2.82
C GLY A 44 -8.35 -1.24 -2.53
N GLY A 45 -7.82 -2.44 -2.76
CA GLY A 45 -8.61 -3.63 -2.57
C GLY A 45 -7.80 -4.75 -1.92
N HIS A 46 -7.88 -5.93 -2.54
CA HIS A 46 -7.19 -7.15 -2.10
C HIS A 46 -6.06 -7.53 -3.05
N ASN A 47 -5.43 -6.55 -3.71
CA ASN A 47 -4.42 -6.85 -4.72
C ASN A 47 -3.14 -7.40 -4.09
N ALA A 48 -2.61 -6.70 -3.08
CA ALA A 48 -1.37 -7.11 -2.43
C ALA A 48 -1.66 -7.66 -1.04
N GLY A 49 -0.93 -8.72 -0.67
CA GLY A 49 -1.08 -9.35 0.63
C GLY A 49 0.07 -9.03 1.58
N HIS A 50 -0.14 -9.39 2.85
CA HIS A 50 0.86 -9.24 3.91
C HIS A 50 0.91 -10.52 4.73
N THR A 51 2.09 -11.13 4.82
CA THR A 51 2.25 -12.38 5.55
C THR A 51 2.69 -12.08 6.99
N LEU A 52 2.08 -12.78 7.94
CA LEU A 52 2.51 -12.63 9.34
C LEU A 52 2.22 -13.91 10.12
N LYS A 53 2.14 -13.77 11.45
CA LYS A 53 2.44 -14.84 12.40
C LYS A 53 1.18 -15.61 12.80
N ILE A 54 1.09 -16.84 12.31
CA ILE A 54 0.11 -17.89 12.63
C ILE A 54 -0.07 -18.66 11.34
N THR A 59 -0.36 -17.24 7.41
CA THR A 59 -1.61 -16.55 7.12
C THR A 59 -1.36 -15.21 6.43
N VAL A 60 -1.99 -15.02 5.27
CA VAL A 60 -1.82 -13.80 4.48
C VAL A 60 -3.10 -12.99 4.54
N LEU A 61 -2.97 -11.72 4.90
CA LEU A 61 -4.12 -10.81 4.97
C LEU A 61 -4.02 -9.81 3.83
N ARG A 62 -5.12 -9.65 3.10
CA ARG A 62 -5.17 -8.70 2.00
C ARG A 62 -6.16 -7.58 2.21
N LEU A 63 -7.23 -7.83 2.94
CA LEU A 63 -8.19 -6.78 3.28
C LEU A 63 -8.17 -6.41 4.76
N ILE A 64 -8.00 -7.38 5.65
CA ILE A 64 -8.07 -7.10 7.08
C ILE A 64 -6.73 -6.53 7.56
N PRO A 65 -6.73 -5.34 8.17
CA PRO A 65 -5.49 -4.78 8.74
C PRO A 65 -4.86 -5.71 9.78
N SER A 66 -3.52 -5.70 9.83
CA SER A 66 -2.82 -6.61 10.75
C SER A 66 -2.98 -6.20 12.21
N GLY A 67 -3.41 -4.97 12.47
CA GLY A 67 -3.77 -4.58 13.84
C GLY A 67 -4.77 -5.52 14.50
N MET A 68 -5.47 -6.33 13.70
CA MET A 68 -6.43 -7.32 14.22
C MET A 68 -5.79 -8.31 15.17
N LEU A 69 -4.48 -8.51 15.07
CA LEU A 69 -3.79 -9.42 15.96
C LEU A 69 -3.36 -8.78 17.27
N ARG A 70 -3.65 -7.50 17.46
CA ARG A 70 -3.56 -6.85 18.76
C ARG A 70 -4.94 -6.77 19.37
N PRO A 71 -5.11 -7.24 20.61
CA PRO A 71 -6.48 -7.41 21.15
C PRO A 71 -7.25 -6.12 21.34
N ASN A 72 -6.56 -4.99 21.56
CA ASN A 72 -7.23 -3.73 21.85
C ASN A 72 -7.60 -2.92 20.60
N VAL A 73 -7.16 -3.32 19.42
CA VAL A 73 -7.24 -2.47 18.22
C VAL A 73 -8.58 -2.68 17.52
N THR A 74 -9.23 -1.59 17.13
CA THR A 74 -10.38 -1.64 16.23
C THR A 74 -9.91 -1.42 14.81
N CYS A 75 -10.32 -2.30 13.90
CA CYS A 75 -9.92 -2.19 12.49
C CYS A 75 -11.10 -1.75 11.63
N TYR A 76 -10.85 -0.79 10.71
CA TYR A 76 -11.88 -0.21 9.86
C TYR A 76 -11.52 -0.42 8.41
N ILE A 77 -12.49 -0.90 7.64
CA ILE A 77 -12.42 -0.86 6.18
C ILE A 77 -13.34 0.26 5.74
N ALA A 78 -12.76 1.41 5.36
CA ALA A 78 -13.48 2.63 5.10
C ALA A 78 -14.02 2.64 3.66
N ASN A 79 -14.84 3.66 3.36
CA ASN A 79 -15.64 3.67 2.14
C ASN A 79 -14.78 3.64 0.88
N GLY A 80 -13.54 4.13 0.95
CA GLY A 80 -12.69 4.13 -0.22
C GLY A 80 -12.19 2.77 -0.67
N VAL A 81 -12.37 1.73 0.13
CA VAL A 81 -11.95 0.40 -0.24
C VAL A 81 -13.05 -0.23 -1.07
N VAL A 82 -12.70 -0.83 -2.21
CA VAL A 82 -13.64 -1.66 -2.96
C VAL A 82 -13.36 -3.10 -2.56
N LEU A 83 -14.39 -3.84 -2.17
CA LEU A 83 -14.13 -5.15 -1.58
C LEU A 83 -14.96 -6.23 -2.25
N SER A 84 -14.32 -7.35 -2.50
CA SER A 84 -15.00 -8.60 -2.83
C SER A 84 -15.56 -9.21 -1.55
N PRO A 85 -16.88 -9.35 -1.43
CA PRO A 85 -17.43 -9.93 -0.19
C PRO A 85 -16.94 -11.34 0.10
N GLN A 86 -16.70 -12.15 -0.92
CA GLN A 86 -16.25 -13.51 -0.62
C GLN A 86 -14.77 -13.54 -0.23
N ALA A 87 -13.95 -12.64 -0.77
CA ALA A 87 -12.57 -12.56 -0.31
C ALA A 87 -12.51 -12.12 1.16
N LEU A 88 -13.34 -11.14 1.53
CA LEU A 88 -13.35 -10.70 2.92
C LEU A 88 -13.82 -11.81 3.85
N LEU A 89 -14.92 -12.50 3.50
CA LEU A 89 -15.45 -13.50 4.42
C LEU A 89 -14.48 -14.66 4.60
N SER A 90 -13.68 -14.99 3.57
CA SER A 90 -12.67 -16.03 3.70
C SER A 90 -11.54 -15.61 4.64
N GLU A 91 -11.08 -14.36 4.54
CA GLU A 91 -10.09 -13.86 5.49
C GLU A 91 -10.63 -13.91 6.91
N ILE A 92 -11.87 -13.43 7.09
CA ILE A 92 -12.53 -13.47 8.39
C ILE A 92 -12.53 -14.88 8.95
N LYS A 93 -13.06 -15.83 8.16
CA LYS A 93 -13.16 -17.21 8.63
C LYS A 93 -11.80 -17.80 8.93
N GLU A 94 -10.78 -17.46 8.13
CA GLU A 94 -9.43 -17.92 8.42
C GLU A 94 -8.96 -17.42 9.78
N LEU A 95 -9.07 -16.11 10.03
CA LEU A 95 -8.67 -15.57 11.33
C LEU A 95 -9.52 -16.15 12.45
N GLU A 96 -10.80 -16.43 12.20
CA GLU A 96 -11.64 -17.03 13.21
C GLU A 96 -11.14 -18.43 13.57
N GLY A 97 -10.65 -19.17 12.56
CA GLY A 97 -10.06 -20.46 12.83
C GLY A 97 -8.87 -20.38 13.77
N ASN A 98 -8.02 -19.38 13.58
CA ASN A 98 -6.94 -19.14 14.54
C ASN A 98 -7.44 -18.51 15.84
N GLY A 99 -8.74 -18.48 16.09
CA GLY A 99 -9.25 -17.98 17.35
C GLY A 99 -9.12 -16.48 17.58
N ILE A 100 -9.26 -15.67 16.53
CA ILE A 100 -9.38 -14.23 16.67
C ILE A 100 -10.85 -13.88 16.67
N ASN A 101 -11.27 -13.04 17.62
CA ASN A 101 -12.63 -12.50 17.62
C ASN A 101 -12.68 -11.34 16.63
N VAL A 102 -12.84 -11.70 15.35
CA VAL A 102 -12.77 -10.70 14.28
C VAL A 102 -14.02 -9.82 14.29
N ARG A 103 -15.20 -10.43 14.34
CA ARG A 103 -16.41 -9.65 14.10
C ARG A 103 -16.65 -8.61 15.18
N GLU A 104 -16.03 -8.75 16.34
CA GLU A 104 -16.19 -7.73 17.37
C GLU A 104 -15.33 -6.50 17.13
N ARG A 105 -14.21 -6.64 16.40
CA ARG A 105 -13.30 -5.52 16.23
C ARG A 105 -13.08 -5.09 14.78
N LEU A 106 -13.79 -5.69 13.82
CA LEU A 106 -13.70 -5.30 12.42
C LEU A 106 -14.95 -4.53 12.06
N ARG A 107 -14.77 -3.38 11.41
CA ARG A 107 -15.89 -2.53 11.02
C ARG A 107 -15.75 -2.17 9.56
N ILE A 108 -16.88 -2.13 8.85
CA ILE A 108 -16.90 -2.05 7.40
C ILE A 108 -17.88 -0.96 6.98
N SER A 109 -17.44 -0.07 6.09
CA SER A 109 -18.34 1.00 5.70
C SER A 109 -19.46 0.47 4.83
N LEU A 110 -20.68 0.93 5.13
CA LEU A 110 -21.82 0.64 4.29
C LEU A 110 -21.64 1.15 2.86
N ALA A 111 -20.74 2.11 2.67
CA ALA A 111 -20.54 2.71 1.36
C ALA A 111 -19.43 2.08 0.54
N CYS A 112 -18.72 1.06 1.04
CA CYS A 112 -17.76 0.35 0.18
C CYS A 112 -18.45 -0.19 -1.07
N PRO A 113 -17.94 0.09 -2.28
CA PRO A 113 -18.42 -0.61 -3.46
C PRO A 113 -18.01 -2.07 -3.43
N LEU A 114 -18.88 -2.92 -3.92
CA LEU A 114 -18.61 -4.35 -4.03
C LEU A 114 -17.82 -4.66 -5.30
N ILE A 115 -16.91 -5.62 -5.21
CA ILE A 115 -16.29 -6.21 -6.39
C ILE A 115 -17.00 -7.52 -6.63
N LEU A 116 -17.59 -7.66 -7.81
CA LEU A 116 -18.42 -8.84 -8.07
C LEU A 116 -17.87 -9.57 -9.28
N PRO A 117 -18.34 -10.81 -9.55
CA PRO A 117 -17.81 -11.56 -10.70
C PRO A 117 -17.71 -10.76 -12.00
N TYR A 118 -18.68 -9.90 -12.31
CA TYR A 118 -18.64 -9.21 -13.59
C TYR A 118 -17.50 -8.20 -13.66
N HIS A 119 -17.11 -7.60 -12.52
CA HIS A 119 -15.95 -6.73 -12.54
C HIS A 119 -14.70 -7.50 -12.96
N ILE A 120 -14.50 -8.68 -12.38
CA ILE A 120 -13.35 -9.50 -12.73
C ILE A 120 -13.38 -9.86 -14.20
N ALA A 121 -14.57 -10.18 -14.72
CA ALA A 121 -14.71 -10.55 -16.13
C ALA A 121 -14.28 -9.40 -17.04
N LEU A 122 -14.78 -8.18 -16.76
CA LEU A 122 -14.38 -7.03 -17.56
C LEU A 122 -12.88 -6.80 -17.48
N ASP A 123 -12.27 -7.04 -16.32
CA ASP A 123 -10.82 -7.06 -16.23
C ASP A 123 -10.24 -8.04 -17.25
N LYS A 124 -10.72 -9.28 -17.24
CA LYS A 124 -10.16 -10.32 -18.10
C LYS A 124 -10.40 -10.03 -19.58
N ALA A 125 -11.63 -9.68 -19.93
CA ALA A 125 -11.94 -9.32 -21.31
C ALA A 125 -11.04 -8.20 -21.82
N ARG A 126 -10.64 -7.27 -20.96
CA ARG A 126 -9.83 -6.14 -21.40
C ARG A 126 -8.34 -6.49 -21.46
N GLU A 127 -7.83 -7.29 -20.51
CA GLU A 127 -6.45 -7.72 -20.58
C GLU A 127 -6.17 -8.44 -21.89
N THR A 128 -7.05 -9.36 -22.27
CA THR A 128 -7.03 -9.99 -23.58
C THR A 128 -7.87 -9.13 -24.54
N HIS A 129 -7.30 -7.97 -24.88
CA HIS A 129 -7.92 -6.87 -25.64
C HIS A 129 -9.26 -7.16 -26.32
N ARG A 140 -7.83 -7.41 -10.51
CA ARG A 140 -8.77 -8.43 -10.07
C ARG A 140 -10.16 -7.83 -9.88
N GLY A 141 -10.61 -7.05 -10.86
CA GLY A 141 -11.88 -6.35 -10.81
C GLY A 141 -11.85 -5.01 -10.08
N ILE A 142 -10.73 -4.64 -9.47
CA ILE A 142 -10.68 -3.42 -8.69
C ILE A 142 -10.99 -2.21 -9.56
N GLY A 143 -10.41 -2.15 -10.76
CA GLY A 143 -10.63 -1.07 -11.68
C GLY A 143 -12.07 -0.89 -12.12
N PRO A 144 -12.68 -1.94 -12.68
CA PRO A 144 -14.10 -1.82 -13.07
C PRO A 144 -15.04 -1.48 -11.90
N ALA A 145 -14.72 -1.93 -10.69
CA ALA A 145 -15.52 -1.56 -9.53
C ALA A 145 -15.46 -0.06 -9.28
N TYR A 146 -14.24 0.52 -9.29
CA TYR A 146 -14.11 1.98 -9.17
C TYR A 146 -14.79 2.70 -10.34
N GLU A 147 -14.81 2.09 -11.52
CA GLU A 147 -15.50 2.70 -12.65
CA GLU A 147 -15.50 2.70 -12.65
C GLU A 147 -17.01 2.77 -12.38
N ASP A 148 -17.59 1.68 -11.90
CA ASP A 148 -18.99 1.70 -11.51
C ASP A 148 -19.26 2.76 -10.46
N LYS A 149 -18.34 2.93 -9.52
CA LYS A 149 -18.55 3.91 -8.45
C LYS A 149 -18.58 5.31 -9.02
N VAL A 150 -17.60 5.66 -9.85
CA VAL A 150 -17.57 6.99 -10.44
C VAL A 150 -18.81 7.24 -11.28
N ALA A 151 -19.27 6.22 -12.01
CA ALA A 151 -20.48 6.34 -12.84
C ALA A 151 -21.81 6.30 -12.02
N ARG A 152 -21.71 6.33 -10.68
CA ARG A 152 -22.87 6.45 -9.80
C ARG A 152 -23.82 5.25 -9.94
N ARG A 153 -23.27 4.07 -10.20
CA ARG A 153 -24.08 2.89 -10.44
C ARG A 153 -23.58 1.68 -9.67
N ALA A 154 -22.57 1.84 -8.80
CA ALA A 154 -21.98 0.71 -8.11
C ALA A 154 -22.92 0.18 -7.04
N LEU A 155 -23.11 -1.13 -7.01
CA LEU A 155 -23.63 -1.78 -5.81
C LEU A 155 -22.64 -1.59 -4.67
N ARG A 156 -23.17 -1.41 -3.46
CA ARG A 156 -22.33 -1.19 -2.28
C ARG A 156 -22.73 -2.16 -1.18
N VAL A 157 -21.89 -2.25 -0.14
CA VAL A 157 -22.21 -3.06 1.04
C VAL A 157 -23.64 -2.77 1.52
N GLY A 158 -23.99 -1.50 1.67
CA GLY A 158 -25.31 -1.15 2.19
C GLY A 158 -26.47 -1.74 1.39
N ASP A 159 -26.27 -1.97 0.08
CA ASP A 159 -27.34 -2.53 -0.75
C ASP A 159 -27.67 -3.98 -0.40
N LEU A 160 -26.73 -4.71 0.20
CA LEU A 160 -27.02 -6.08 0.63
C LEU A 160 -28.18 -6.13 1.60
N PHE A 161 -28.46 -5.04 2.29
CA PHE A 161 -29.47 -5.03 3.34
C PHE A 161 -30.84 -4.59 2.81
N HIS A 162 -30.96 -4.43 1.51
CA HIS A 162 -32.25 -4.25 0.84
C HIS A 162 -32.28 -5.24 -0.33
N ARG A 163 -32.60 -6.50 -0.02
CA ARG A 163 -32.44 -7.57 -0.99
C ARG A 163 -33.23 -7.31 -2.25
N ASP A 164 -34.40 -6.67 -2.13
CA ASP A 164 -35.18 -6.28 -3.30
C ASP A 164 -34.36 -5.34 -4.20
N ARG A 165 -33.80 -4.26 -3.63
CA ARG A 165 -33.02 -3.33 -4.44
C ARG A 165 -31.72 -3.95 -4.95
N PHE A 166 -31.05 -4.74 -4.11
CA PHE A 166 -29.83 -5.40 -4.57
C PHE A 166 -30.10 -6.22 -5.83
N ALA A 167 -31.18 -6.99 -5.83
CA ALA A 167 -31.50 -7.83 -6.99
C ALA A 167 -31.88 -6.97 -8.19
N ASN A 168 -32.70 -5.94 -7.97
CA ASN A 168 -33.12 -5.08 -9.08
C ASN A 168 -31.91 -4.42 -9.74
N LYS A 169 -31.03 -3.82 -8.92
CA LYS A 169 -29.86 -3.11 -9.44
C LYS A 169 -28.87 -4.08 -10.08
N LEU A 170 -28.72 -5.27 -9.51
CA LEU A 170 -27.80 -6.25 -10.06
C LEU A 170 -28.23 -6.71 -11.45
N THR A 171 -29.51 -7.07 -11.61
CA THR A 171 -30.00 -7.49 -12.92
C THR A 171 -29.81 -6.37 -13.96
N GLU A 172 -30.11 -5.14 -13.56
CA GLU A 172 -29.99 -3.98 -14.45
C GLU A 172 -28.53 -3.69 -14.79
N LEU A 173 -27.63 -3.82 -13.81
CA LEU A 173 -26.20 -3.64 -14.09
C LEU A 173 -25.69 -4.74 -15.01
N LEU A 174 -26.14 -5.97 -14.78
CA LEU A 174 -25.70 -7.10 -15.59
C LEU A 174 -26.22 -7.02 -17.02
N ASP A 175 -27.40 -6.42 -17.23
CA ASP A 175 -27.89 -6.22 -18.59
C ASP A 175 -26.92 -5.38 -19.40
N TYR A 176 -26.11 -4.56 -18.74
CA TYR A 176 -25.12 -3.74 -19.42
C TYR A 176 -23.77 -4.44 -19.52
N HIS A 177 -23.23 -4.86 -18.37
CA HIS A 177 -21.88 -5.44 -18.38
C HIS A 177 -21.84 -6.74 -19.18
N ASN A 178 -22.92 -7.52 -19.18
CA ASN A 178 -22.95 -8.72 -20.01
C ASN A 178 -23.02 -8.36 -21.50
N PHE A 179 -23.80 -7.33 -21.85
CA PHE A 179 -23.79 -6.84 -23.23
C PHE A 179 -22.37 -6.50 -23.66
N VAL A 180 -21.68 -5.70 -22.84
CA VAL A 180 -20.31 -5.29 -23.17
C VAL A 180 -19.39 -6.51 -23.27
N LEU A 181 -19.55 -7.49 -22.36
CA LEU A 181 -18.66 -8.64 -22.36
C LEU A 181 -18.84 -9.50 -23.60
N THR A 182 -20.08 -9.81 -23.96
CA THR A 182 -20.31 -10.77 -25.04
C THR A 182 -20.31 -10.09 -26.40
N GLN A 183 -21.01 -8.96 -26.52
CA GLN A 183 -21.03 -8.21 -27.78
C GLN A 183 -19.67 -7.57 -28.06
N TYR A 184 -19.21 -6.66 -27.21
CA TYR A 184 -17.97 -5.96 -27.51
C TYR A 184 -16.76 -6.90 -27.43
N PHE A 185 -16.58 -7.56 -26.29
CA PHE A 185 -15.35 -8.33 -26.08
C PHE A 185 -15.42 -9.77 -26.59
N LYS A 186 -16.61 -10.27 -26.96
CA LYS A 186 -16.78 -11.64 -27.43
C LYS A 186 -16.30 -12.66 -26.37
N GLN A 187 -16.55 -12.36 -25.11
CA GLN A 187 -16.22 -13.17 -23.96
C GLN A 187 -17.50 -13.64 -23.25
N PRO A 188 -17.41 -14.65 -22.39
CA PRO A 188 -18.64 -15.18 -21.77
C PRO A 188 -19.31 -14.18 -20.85
N ALA A 189 -20.64 -14.30 -20.77
CA ALA A 189 -21.41 -13.48 -19.87
C ALA A 189 -21.27 -13.98 -18.42
N VAL A 190 -21.78 -13.17 -17.50
CA VAL A 190 -21.87 -13.54 -16.10
C VAL A 190 -23.31 -13.83 -15.77
N ASP A 191 -23.55 -14.99 -15.15
CA ASP A 191 -24.90 -15.48 -14.90
C ASP A 191 -25.52 -14.77 -13.69
N LEU A 192 -26.65 -14.10 -13.91
CA LEU A 192 -27.32 -13.38 -12.84
C LEU A 192 -27.74 -14.31 -11.70
N GLU A 193 -28.41 -15.41 -12.03
CA GLU A 193 -28.99 -16.27 -11.00
C GLU A 193 -27.93 -16.84 -10.08
N SER A 194 -26.78 -17.26 -10.64
CA SER A 194 -25.75 -17.81 -9.77
C SER A 194 -25.12 -16.75 -8.88
N LEU A 195 -25.11 -15.49 -9.33
CA LEU A 195 -24.61 -14.40 -8.49
C LEU A 195 -25.56 -14.10 -7.34
N LEU A 196 -26.86 -14.07 -7.62
CA LEU A 196 -27.84 -13.94 -6.53
C LEU A 196 -27.69 -15.10 -5.55
N GLY A 197 -27.50 -16.32 -6.05
CA GLY A 197 -27.32 -17.45 -5.16
C GLY A 197 -26.11 -17.31 -4.26
N GLU A 198 -24.98 -16.90 -4.84
CA GLU A 198 -23.79 -16.75 -4.00
C GLU A 198 -23.90 -15.58 -3.03
N SER A 199 -24.71 -14.57 -3.33
CA SER A 199 -24.80 -13.42 -2.45
C SER A 199 -25.83 -13.58 -1.34
N LEU A 200 -26.45 -14.76 -1.22
CA LEU A 200 -27.59 -14.95 -0.34
C LEU A 200 -27.24 -14.68 1.12
N GLN A 201 -26.08 -15.13 1.56
CA GLN A 201 -25.72 -15.03 2.97
C GLN A 201 -24.89 -13.80 3.31
N TRP A 202 -24.53 -12.97 2.34
CA TRP A 202 -23.57 -11.91 2.62
C TRP A 202 -24.10 -10.93 3.65
N ALA A 203 -25.37 -10.52 3.53
CA ALA A 203 -25.89 -9.52 4.46
C ALA A 203 -25.79 -10.01 5.90
N GLU A 204 -26.26 -11.22 6.16
CA GLU A 204 -26.22 -11.74 7.53
C GLU A 204 -24.78 -11.94 7.99
N GLU A 205 -23.88 -12.37 7.11
CA GLU A 205 -22.47 -12.52 7.50
C GLU A 205 -21.86 -11.18 7.92
N LEU A 206 -22.14 -10.12 7.17
CA LEU A 206 -21.47 -8.85 7.43
C LEU A 206 -22.19 -7.96 8.42
N ARG A 207 -23.46 -8.25 8.68
CA ARG A 207 -24.32 -7.31 9.43
C ARG A 207 -23.70 -6.75 10.71
N PRO A 208 -23.15 -7.55 11.61
CA PRO A 208 -22.65 -6.97 12.88
C PRO A 208 -21.47 -6.04 12.70
N MET A 209 -20.84 -6.02 11.52
CA MET A 209 -19.65 -5.21 11.30
C MET A 209 -19.90 -3.96 10.50
N VAL A 210 -21.07 -3.80 9.89
CA VAL A 210 -21.21 -2.67 8.98
C VAL A 210 -21.58 -1.42 9.77
N CYS A 211 -21.12 -0.27 9.30
CA CYS A 211 -21.36 0.95 10.07
C CYS A 211 -21.00 2.18 9.23
N ASP A 212 -21.19 3.33 9.85
CA ASP A 212 -20.75 4.64 9.33
C ASP A 212 -19.32 4.84 9.81
N VAL A 213 -18.36 4.39 8.99
CA VAL A 213 -16.97 4.34 9.44
C VAL A 213 -16.45 5.75 9.75
N SER A 214 -16.76 6.73 8.90
CA SER A 214 -16.25 8.08 9.13
C SER A 214 -16.72 8.62 10.48
N ALA A 215 -18.02 8.47 10.81
CA ALA A 215 -18.47 8.89 12.13
C ALA A 215 -17.67 8.21 13.24
N CYS A 216 -17.40 6.91 13.09
CA CYS A 216 -16.65 6.18 14.10
C CYS A 216 -15.26 6.78 14.27
N LEU A 217 -14.60 7.08 13.14
CA LEU A 217 -13.24 7.61 13.20
C LEU A 217 -13.21 8.96 13.91
N HIS A 218 -14.22 9.80 13.66
CA HIS A 218 -14.26 11.10 14.32
C HIS A 218 -14.59 10.97 15.81
N GLU A 219 -15.38 9.98 16.20
CA GLU A 219 -15.55 9.74 17.64
C GLU A 219 -14.25 9.27 18.28
N HIS A 220 -13.50 8.39 17.62
CA HIS A 220 -12.19 8.01 18.15
C HIS A 220 -11.29 9.23 18.29
N ARG A 221 -11.28 10.07 17.24
CA ARG A 221 -10.49 11.28 17.27
C ARG A 221 -10.89 12.15 18.47
N LYS A 222 -12.19 12.27 18.71
CA LYS A 222 -12.66 13.05 19.87
C LYS A 222 -12.19 12.43 21.19
N GLN A 223 -12.15 11.10 21.25
CA GLN A 223 -11.71 10.42 22.47
C GLN A 223 -10.21 10.46 22.67
N GLY A 224 -9.46 11.07 21.75
CA GLY A 224 -8.02 11.17 21.83
C GLY A 224 -7.24 9.91 21.50
N GLU A 225 -7.82 9.01 20.71
CA GLU A 225 -7.17 7.73 20.42
C GLU A 225 -6.26 7.87 19.20
N ASN A 226 -5.17 7.11 19.20
CA ASN A 226 -4.25 7.15 18.07
C ASN A 226 -4.85 6.35 16.89
N ILE A 227 -4.81 6.94 15.69
CA ILE A 227 -5.38 6.30 14.52
C ILE A 227 -4.30 6.15 13.47
N LEU A 228 -4.19 4.96 12.91
CA LEU A 228 -3.21 4.65 11.87
C LEU A 228 -3.95 4.40 10.56
N PHE A 229 -3.62 5.18 9.51
CA PHE A 229 -4.18 5.00 8.19
C PHE A 229 -3.16 4.26 7.34
N GLU A 230 -3.54 3.08 6.89
CA GLU A 230 -2.63 2.16 6.24
C GLU A 230 -2.90 2.24 4.74
N GLY A 231 -1.98 2.86 4.01
CA GLY A 231 -2.12 2.96 2.57
C GLY A 231 -1.73 1.65 1.91
N ALA A 232 -2.55 1.24 0.94
CA ALA A 232 -2.28 -0.02 0.21
C ALA A 232 -1.46 0.25 -1.06
N SER A 256 -7.58 8.69 -1.59
CA SER A 256 -6.84 9.24 -0.47
C SER A 256 -7.62 9.16 0.85
N VAL A 257 -6.91 9.52 1.92
CA VAL A 257 -7.47 9.48 3.27
C VAL A 257 -8.69 10.37 3.37
N ILE A 258 -8.63 11.54 2.73
CA ILE A 258 -9.69 12.52 2.93
C ILE A 258 -11.02 11.98 2.41
N ASN A 259 -11.05 11.59 1.15
CA ASN A 259 -12.26 11.01 0.55
C ASN A 259 -12.47 9.56 0.97
N GLY A 260 -11.39 8.78 1.02
CA GLY A 260 -11.55 7.35 1.28
C GLY A 260 -11.97 6.99 2.70
N ALA A 261 -11.71 7.87 3.66
CA ALA A 261 -12.15 7.62 5.03
C ALA A 261 -13.05 8.71 5.58
N GLY A 262 -13.33 9.77 4.82
CA GLY A 262 -14.21 10.84 5.30
C GLY A 262 -13.53 11.59 6.43
N PHE A 263 -12.28 11.99 6.24
CA PHE A 263 -11.41 12.44 7.34
C PHE A 263 -10.53 13.58 6.86
N GLY A 264 -10.86 14.81 7.26
CA GLY A 264 -10.26 15.99 6.66
C GLY A 264 -8.76 16.13 6.83
N PRO A 265 -8.13 16.85 5.89
CA PRO A 265 -6.65 16.81 5.82
C PRO A 265 -5.95 17.42 7.00
N ARG A 266 -6.53 18.43 7.64
CA ARG A 266 -5.80 19.03 8.74
CA ARG A 266 -5.81 19.04 8.75
C ARG A 266 -5.78 18.16 9.99
N TYR A 267 -6.57 17.09 10.03
CA TYR A 267 -6.45 16.18 11.15
C TYR A 267 -5.28 15.20 10.99
N ILE A 268 -4.65 15.13 9.82
CA ILE A 268 -3.50 14.26 9.64
CA ILE A 268 -3.50 14.26 9.63
C ILE A 268 -2.30 14.91 10.30
N ASP A 269 -1.71 14.22 11.28
CA ASP A 269 -0.63 14.79 12.08
C ASP A 269 0.75 14.42 11.57
N TYR A 270 0.87 13.29 10.87
CA TYR A 270 2.19 12.87 10.43
C TYR A 270 2.02 11.85 9.30
N VAL A 271 2.79 12.02 8.23
CA VAL A 271 2.80 11.10 7.10
C VAL A 271 4.17 10.43 7.09
N LEU A 272 4.19 9.11 7.26
CA LEU A 272 5.43 8.34 7.31
C LEU A 272 5.68 7.72 5.93
N GLY A 273 6.81 8.03 5.32
CA GLY A 273 7.09 7.50 4.00
C GLY A 273 8.06 6.31 4.08
N ILE A 274 7.54 5.10 3.85
CA ILE A 274 8.34 3.89 3.87
C ILE A 274 9.16 3.85 2.60
N THR A 275 10.50 3.78 2.76
CA THR A 275 11.42 4.13 1.67
C THR A 275 12.57 3.13 1.72
N LYS A 276 12.66 2.26 0.73
CA LYS A 276 13.75 1.32 0.70
C LYS A 276 15.05 2.05 0.42
N ALA A 277 16.16 1.53 0.97
CA ALA A 277 17.47 2.16 0.81
C ALA A 277 18.01 2.08 -0.62
N TYR A 278 17.37 1.31 -1.49
CA TYR A 278 17.63 1.26 -2.92
C TYR A 278 16.27 1.15 -3.58
N THR A 279 16.21 1.19 -4.91
CA THR A 279 14.93 1.18 -5.62
C THR A 279 14.70 -0.15 -6.32
N THR A 280 13.44 -0.61 -6.36
CA THR A 280 13.07 -1.75 -7.19
C THR A 280 11.85 -1.39 -8.03
N ARG A 281 11.70 -2.14 -9.12
CA ARG A 281 10.56 -2.04 -10.01
C ARG A 281 10.21 -3.44 -10.49
N VAL A 282 8.91 -3.71 -10.62
CA VAL A 282 8.44 -4.98 -11.13
C VAL A 282 8.14 -4.91 -12.61
N GLY A 283 7.42 -3.88 -13.05
CA GLY A 283 6.99 -3.81 -14.44
C GLY A 283 8.09 -3.35 -15.38
N GLY A 284 7.67 -3.14 -16.64
CA GLY A 284 8.52 -2.53 -17.64
C GLY A 284 8.53 -1.02 -17.50
N GLY A 285 9.15 -0.37 -18.47
CA GLY A 285 9.17 1.07 -18.50
C GLY A 285 10.35 1.70 -17.79
N PRO A 286 10.28 3.01 -17.60
CA PRO A 286 11.48 3.78 -17.25
C PRO A 286 11.98 3.49 -15.83
N PHE A 287 13.28 3.29 -15.73
CA PHE A 287 13.93 3.01 -14.45
C PHE A 287 15.31 3.66 -14.48
N PRO A 288 15.39 4.97 -14.23
CA PRO A 288 16.67 5.68 -14.47
C PRO A 288 17.86 5.16 -13.67
N THR A 289 17.67 4.74 -12.41
CA THR A 289 18.79 4.22 -11.63
C THR A 289 18.95 2.71 -11.75
N GLU A 290 18.31 2.07 -12.72
CA GLU A 290 18.39 0.62 -12.82
C GLU A 290 19.84 0.17 -12.91
N LEU A 291 20.15 -0.93 -12.21
CA LEU A 291 21.46 -1.59 -12.28
C LEU A 291 21.32 -2.87 -13.07
N LEU A 292 22.13 -3.02 -14.13
CA LEU A 292 22.10 -4.22 -14.94
C LEU A 292 23.36 -5.06 -14.76
N ASP A 293 24.04 -4.89 -13.64
CA ASP A 293 25.35 -5.52 -13.48
C ASP A 293 25.38 -6.42 -12.26
N ASP A 294 26.59 -6.76 -11.82
CA ASP A 294 26.80 -7.63 -10.67
C ASP A 294 26.37 -6.97 -9.36
N VAL A 295 26.37 -5.64 -9.31
CA VAL A 295 25.93 -4.97 -8.10
C VAL A 295 24.42 -5.11 -7.95
N GLY A 296 23.67 -4.87 -9.04
CA GLY A 296 22.24 -5.11 -9.02
C GLY A 296 21.89 -6.56 -8.69
N LYS A 297 22.65 -7.51 -9.23
CA LYS A 297 22.35 -8.91 -8.93
C LYS A 297 22.58 -9.22 -7.46
N ARG A 298 23.64 -8.63 -6.87
CA ARG A 298 23.89 -8.82 -5.46
C ARG A 298 22.76 -8.22 -4.62
N ILE A 299 22.34 -7.00 -4.95
CA ILE A 299 21.22 -6.39 -4.23
C ILE A 299 19.99 -7.28 -4.31
N ALA A 300 19.65 -7.75 -5.52
CA ALA A 300 18.48 -8.62 -5.68
C ALA A 300 18.55 -9.86 -4.79
N GLU A 301 19.72 -10.50 -4.73
CA GLU A 301 19.87 -11.69 -3.89
CA GLU A 301 19.85 -11.69 -3.90
C GLU A 301 19.73 -11.33 -2.42
N ARG A 302 20.51 -10.34 -1.96
CA ARG A 302 20.52 -10.03 -0.54
C ARG A 302 19.17 -9.50 -0.09
N GLY A 303 18.46 -8.81 -0.97
CA GLY A 303 17.16 -8.30 -0.61
C GLY A 303 16.01 -9.21 -0.97
N GLN A 304 16.30 -10.42 -1.45
CA GLN A 304 15.25 -11.38 -1.82
C GLN A 304 14.21 -10.73 -2.72
N GLU A 305 14.69 -9.97 -3.70
CA GLU A 305 13.81 -9.16 -4.56
C GLU A 305 13.29 -10.04 -5.71
N PHE A 306 12.34 -10.91 -5.37
CA PHE A 306 11.73 -11.83 -6.32
C PHE A 306 10.22 -11.77 -6.18
N GLY A 307 9.51 -11.85 -7.30
CA GLY A 307 8.05 -11.87 -7.25
C GLY A 307 7.49 -12.99 -6.37
N ALA A 308 6.63 -12.62 -5.43
CA ALA A 308 6.12 -13.56 -4.43
C ALA A 308 5.35 -14.72 -5.07
N VAL A 309 4.76 -14.50 -6.24
CA VAL A 309 4.02 -15.55 -6.94
C VAL A 309 4.80 -16.11 -8.12
N THR A 310 5.39 -15.22 -8.94
CA THR A 310 6.06 -15.65 -10.16
C THR A 310 7.48 -16.14 -9.95
N GLY A 311 8.15 -15.71 -8.88
CA GLY A 311 9.56 -16.01 -8.74
C GLY A 311 10.47 -15.16 -9.60
N ARG A 312 9.90 -14.28 -10.43
CA ARG A 312 10.72 -13.46 -11.32
C ARG A 312 11.47 -12.40 -10.51
N PRO A 313 12.76 -12.23 -10.72
CA PRO A 313 13.49 -11.18 -10.02
C PRO A 313 12.96 -9.79 -10.38
N ARG A 314 12.87 -8.94 -9.37
CA ARG A 314 12.55 -7.55 -9.60
C ARG A 314 13.74 -6.79 -10.16
N ARG A 315 13.45 -5.73 -10.90
CA ARG A 315 14.52 -4.83 -11.33
C ARG A 315 15.03 -4.07 -10.12
N CYS A 316 16.36 -3.94 -10.01
CA CYS A 316 16.98 -3.25 -8.88
C CYS A 316 17.82 -2.07 -9.36
N GLY A 317 17.99 -1.07 -8.51
CA GLY A 317 18.75 0.11 -8.88
C GLY A 317 19.06 0.97 -7.67
N TRP A 318 19.82 2.03 -7.91
CA TRP A 318 20.27 2.86 -6.80
C TRP A 318 19.10 3.64 -6.20
N PHE A 319 19.30 4.10 -4.97
CA PHE A 319 18.38 5.07 -4.40
C PHE A 319 18.18 6.25 -5.35
N ASP A 320 16.93 6.67 -5.52
CA ASP A 320 16.61 7.72 -6.50
C ASP A 320 15.88 8.83 -5.73
N ALA A 321 16.58 9.92 -5.44
CA ALA A 321 16.00 11.04 -4.69
C ALA A 321 15.15 11.95 -5.55
N VAL A 322 15.23 11.83 -6.87
CA VAL A 322 14.34 12.58 -7.75
C VAL A 322 12.93 12.03 -7.61
N LEU A 323 12.81 10.70 -7.72
CA LEU A 323 11.57 10.01 -7.39
C LEU A 323 11.05 10.41 -6.00
N LEU A 324 11.94 10.41 -5.00
CA LEU A 324 11.50 10.67 -3.63
C LEU A 324 11.01 12.11 -3.43
N LYS A 325 11.65 13.08 -4.09
CA LYS A 325 11.21 14.46 -3.93
C LYS A 325 9.75 14.61 -4.35
N ARG A 326 9.39 14.04 -5.49
CA ARG A 326 8.00 14.06 -5.94
C ARG A 326 7.06 13.35 -4.97
N SER A 327 7.47 12.18 -4.45
CA SER A 327 6.62 11.48 -3.47
CA SER A 327 6.61 11.49 -3.49
C SER A 327 6.41 12.33 -2.22
N ILE A 328 7.47 12.98 -1.74
CA ILE A 328 7.35 13.82 -0.56
C ILE A 328 6.39 14.98 -0.81
N GLU A 329 6.46 15.61 -2.00
CA GLU A 329 5.59 16.74 -2.32
C GLU A 329 4.13 16.31 -2.42
N LEU A 330 3.88 15.22 -3.15
CA LEU A 330 2.51 14.79 -3.40
C LEU A 330 1.83 14.39 -2.10
N ASN A 331 2.57 13.79 -1.18
CA ASN A 331 1.99 13.22 0.04
C ASN A 331 2.31 14.03 1.30
N SER A 332 2.96 15.19 1.17
CA SER A 332 3.48 16.00 2.28
C SER A 332 4.09 15.12 3.38
N ILE A 333 5.05 14.30 2.96
CA ILE A 333 5.64 13.32 3.87
C ILE A 333 6.39 14.03 4.98
N SER A 334 6.13 13.62 6.23
CA SER A 334 6.74 14.21 7.41
C SER A 334 8.13 13.69 7.69
N GLY A 335 8.33 12.40 7.50
CA GLY A 335 9.60 11.78 7.83
C GLY A 335 9.61 10.46 7.09
N LEU A 336 10.81 9.89 6.95
CA LEU A 336 10.98 8.63 6.25
C LEU A 336 11.25 7.49 7.22
N CYS A 337 10.84 6.29 6.82
CA CYS A 337 11.33 5.05 7.40
C CYS A 337 12.16 4.38 6.31
N VAL A 338 13.50 4.38 6.46
CA VAL A 338 14.36 3.80 5.45
C VAL A 338 14.52 2.32 5.78
N THR A 339 14.34 1.46 4.78
CA THR A 339 14.28 0.03 5.01
C THR A 339 15.37 -0.68 4.24
N LYS A 340 15.69 -1.91 4.70
CA LYS A 340 16.63 -2.81 4.02
C LYS A 340 18.03 -2.20 3.92
N LEU A 341 18.42 -1.40 4.90
CA LEU A 341 19.79 -0.89 4.91
C LEU A 341 20.79 -2.04 4.85
N ASP A 342 20.49 -3.12 5.56
CA ASP A 342 21.40 -4.27 5.65
C ASP A 342 21.70 -4.89 4.29
N VAL A 343 20.82 -4.72 3.31
CA VAL A 343 21.04 -5.29 1.98
C VAL A 343 22.29 -4.69 1.32
N LEU A 344 22.61 -3.44 1.64
CA LEU A 344 23.74 -2.71 1.05
C LEU A 344 25.08 -2.98 1.76
N ASP A 345 25.08 -3.77 2.84
CA ASP A 345 26.34 -4.09 3.51
C ASP A 345 27.32 -4.66 2.49
N GLY A 346 28.58 -4.23 2.59
CA GLY A 346 29.63 -4.80 1.77
C GLY A 346 29.82 -4.19 0.39
N LEU A 347 28.96 -3.29 -0.06
CA LEU A 347 29.20 -2.58 -1.31
C LEU A 347 30.36 -1.60 -1.14
N GLU A 348 31.19 -1.48 -2.18
CA GLU A 348 32.33 -0.58 -2.08
C GLU A 348 31.89 0.87 -2.21
N VAL A 349 30.93 1.14 -3.10
CA VAL A 349 30.43 2.49 -3.31
C VAL A 349 28.93 2.42 -3.47
N LEU A 350 28.27 3.51 -3.10
CA LEU A 350 26.85 3.69 -3.27
C LEU A 350 26.61 4.95 -4.11
N ARG A 351 25.54 4.94 -4.89
CA ARG A 351 25.15 6.11 -5.67
C ARG A 351 23.75 6.55 -5.28
N ILE A 352 23.51 7.85 -5.37
CA ILE A 352 22.19 8.44 -5.18
C ILE A 352 21.92 9.34 -6.38
N ALA A 353 20.80 9.11 -7.07
CA ALA A 353 20.43 9.99 -8.17
C ALA A 353 19.83 11.27 -7.58
N VAL A 354 20.45 12.41 -7.86
CA VAL A 354 20.01 13.70 -7.32
C VAL A 354 19.33 14.57 -8.37
N ALA A 355 19.44 14.23 -9.64
CA ALA A 355 18.74 14.93 -10.71
C ALA A 355 18.62 13.95 -11.86
N TYR A 356 17.82 14.34 -12.87
CA TYR A 356 17.83 13.68 -14.17
C TYR A 356 18.32 14.67 -15.20
N LYS A 357 18.95 14.16 -16.25
CA LYS A 357 19.31 14.95 -17.42
C LYS A 357 18.55 14.40 -18.61
N ASP A 358 17.72 15.23 -19.25
CA ASP A 358 16.88 14.73 -20.33
C ASP A 358 17.67 14.70 -21.64
N ARG A 359 16.99 14.40 -22.75
CA ARG A 359 17.67 14.22 -24.03
C ARG A 359 18.43 15.49 -24.44
N ASP A 360 17.86 16.66 -24.17
CA ASP A 360 18.52 17.91 -24.51
C ASP A 360 19.60 18.31 -23.50
N GLY A 361 19.81 17.52 -22.45
CA GLY A 361 20.71 17.96 -21.40
C GLY A 361 20.11 18.94 -20.42
N ASN A 362 18.79 19.11 -20.43
CA ASN A 362 18.13 19.84 -19.37
C ASN A 362 18.19 19.05 -18.07
N ILE A 363 18.43 19.76 -16.96
CA ILE A 363 18.55 19.15 -15.64
C ILE A 363 17.18 19.20 -14.96
N LEU A 364 16.66 18.04 -14.58
CA LEU A 364 15.33 17.93 -13.99
C LEU A 364 15.44 17.55 -12.52
N SER A 365 14.66 18.20 -11.65
CA SER A 365 14.64 17.85 -10.23
C SER A 365 13.49 16.94 -9.84
N ARG A 366 12.54 16.72 -10.74
CA ARG A 366 11.39 15.86 -10.58
C ARG A 366 11.26 14.94 -11.80
N PRO A 367 10.69 13.75 -11.64
CA PRO A 367 10.46 12.89 -12.80
C PRO A 367 9.48 13.54 -13.75
N PRO A 368 9.74 13.46 -15.05
CA PRO A 368 8.79 14.03 -16.02
C PRO A 368 7.44 13.36 -15.89
N LEU A 369 6.39 14.12 -16.21
CA LEU A 369 5.05 13.56 -16.19
C LEU A 369 4.88 12.52 -17.29
N ALA A 370 5.37 12.81 -18.50
CA ALA A 370 5.13 11.98 -19.66
C ALA A 370 6.25 10.95 -19.85
N ALA A 371 5.86 9.69 -20.07
CA ALA A 371 6.82 8.61 -20.22
C ALA A 371 7.72 8.80 -21.43
N ASP A 372 7.28 9.57 -22.42
CA ASP A 372 8.13 9.91 -23.57
C ASP A 372 9.44 10.55 -23.14
N ASP A 373 9.38 11.36 -22.08
CA ASP A 373 10.53 12.17 -21.70
C ASP A 373 11.61 11.36 -21.02
N PHE A 374 11.31 10.13 -20.61
CA PHE A 374 12.34 9.23 -20.10
C PHE A 374 13.22 8.65 -21.20
N ASN A 375 12.85 8.82 -22.47
CA ASN A 375 13.67 8.32 -23.57
C ASN A 375 14.93 9.19 -23.68
N ASP A 376 16.10 8.53 -23.63
CA ASP A 376 17.40 9.21 -23.63
C ASP A 376 17.54 10.13 -22.41
N LEU A 377 17.02 9.69 -21.27
CA LEU A 377 17.09 10.41 -20.01
C LEU A 377 18.04 9.70 -19.06
N LEU A 378 18.89 10.47 -18.38
CA LEU A 378 19.90 9.80 -17.58
C LEU A 378 19.96 10.37 -16.16
N PRO A 379 20.25 9.52 -15.18
CA PRO A 379 20.39 10.02 -13.81
C PRO A 379 21.68 10.79 -13.64
N VAL A 380 21.66 11.74 -12.72
CA VAL A 380 22.83 12.46 -12.23
C VAL A 380 23.14 11.96 -10.82
N TYR A 381 24.32 11.39 -10.61
CA TYR A 381 24.60 10.70 -9.36
C TYR A 381 25.52 11.51 -8.45
N GLU A 382 25.32 11.36 -7.15
CA GLU A 382 26.39 11.55 -6.18
C GLU A 382 26.92 10.18 -5.78
N GLU A 383 28.20 10.12 -5.43
CA GLU A 383 28.84 8.86 -5.02
C GLU A 383 29.25 8.93 -3.55
N LEU A 384 28.88 7.92 -2.77
CA LEU A 384 29.29 7.83 -1.39
C LEU A 384 29.98 6.50 -1.11
N PRO A 385 30.90 6.45 -0.15
CA PRO A 385 31.55 5.17 0.16
C PRO A 385 30.59 4.26 0.91
N GLY A 386 30.70 2.96 0.61
CA GLY A 386 29.96 1.95 1.33
C GLY A 386 30.67 1.56 2.62
N TRP A 387 30.15 0.51 3.24
CA TRP A 387 30.70 0.02 4.49
C TRP A 387 30.83 -1.48 4.40
N GLN A 388 31.80 -2.02 5.14
CA GLN A 388 31.99 -3.45 5.20
C GLN A 388 31.34 -4.09 6.41
N GLU A 389 31.13 -3.35 7.48
CA GLU A 389 30.61 -3.92 8.70
C GLU A 389 29.14 -4.29 8.52
N SER A 390 28.67 -5.27 9.28
CA SER A 390 27.29 -5.72 9.16
C SER A 390 26.37 -4.72 9.84
N THR A 391 25.28 -4.34 9.17
CA THR A 391 24.27 -3.55 9.84
C THR A 391 23.06 -4.38 10.23
N ALA A 392 23.08 -5.69 9.94
CA ALA A 392 21.92 -6.56 10.12
C ALA A 392 21.46 -6.51 11.57
N ASP A 393 20.19 -6.14 11.78
CA ASP A 393 19.54 -6.20 13.09
C ASP A 393 20.20 -5.28 14.12
N VAL A 394 20.99 -4.30 13.68
CA VAL A 394 21.45 -3.27 14.59
C VAL A 394 20.25 -2.45 15.05
N THR A 395 20.20 -2.13 16.35
CA THR A 395 19.02 -1.44 16.86
C THR A 395 19.34 -0.15 17.60
N VAL A 396 20.58 0.33 17.55
CA VAL A 396 20.90 1.66 18.04
C VAL A 396 21.80 2.35 17.02
N MET A 397 21.47 3.60 16.69
CA MET A 397 22.15 4.31 15.61
C MET A 397 23.66 4.29 15.76
N SER A 398 24.14 4.40 17.01
CA SER A 398 25.58 4.52 17.26
C SER A 398 26.32 3.21 17.02
N ASP A 399 25.62 2.09 16.93
CA ASP A 399 26.25 0.85 16.48
C ASP A 399 26.39 0.77 14.96
N LEU A 400 25.80 1.69 14.20
CA LEU A 400 25.97 1.64 12.75
C LEU A 400 27.37 2.13 12.35
N PRO A 401 27.92 1.60 11.25
CA PRO A 401 29.21 2.10 10.75
C PRO A 401 29.09 3.57 10.33
N ALA A 402 30.22 4.29 10.42
CA ALA A 402 30.20 5.71 10.12
C ALA A 402 29.70 5.98 8.70
N ASN A 403 30.12 5.17 7.73
CA ASN A 403 29.70 5.41 6.33
C ASN A 403 28.22 5.13 6.16
N ALA A 404 27.64 4.26 6.99
CA ALA A 404 26.19 4.04 6.89
C ALA A 404 25.41 5.25 7.41
N ARG A 405 25.87 5.82 8.52
CA ARG A 405 25.21 7.00 9.05
C ARG A 405 25.37 8.19 8.10
N ALA A 406 26.51 8.27 7.42
CA ALA A 406 26.74 9.36 6.47
C ALA A 406 25.88 9.18 5.22
N TYR A 407 25.69 7.94 4.79
CA TYR A 407 24.73 7.69 3.70
C TYR A 407 23.34 8.17 4.09
N LEU A 408 22.86 7.76 5.27
CA LEU A 408 21.54 8.19 5.68
C LEU A 408 21.46 9.71 5.87
N LYS A 409 22.51 10.30 6.47
CA LYS A 409 22.49 11.76 6.66
C LYS A 409 22.37 12.49 5.32
N ARG A 410 23.08 12.00 4.30
CA ARG A 410 23.02 12.66 2.99
C ARG A 410 21.63 12.55 2.36
N ILE A 411 20.98 11.41 2.52
CA ILE A 411 19.60 11.30 2.04
C ILE A 411 18.71 12.34 2.72
N GLU A 412 18.88 12.52 4.04
CA GLU A 412 18.13 13.55 4.76
C GLU A 412 18.44 14.94 4.22
N GLU A 413 19.72 15.25 4.02
CA GLU A 413 20.10 16.57 3.51
C GLU A 413 19.49 16.81 2.14
N ILE A 414 19.53 15.81 1.27
CA ILE A 414 19.03 15.97 -0.09
C ILE A 414 17.51 16.16 -0.07
N LEU A 415 16.81 15.35 0.70
CA LEU A 415 15.35 15.35 0.67
C LEU A 415 14.73 16.38 1.60
N GLY A 416 15.48 16.91 2.56
CA GLY A 416 14.99 17.97 3.41
C GLY A 416 14.00 17.55 4.48
N ILE A 417 13.81 16.25 4.71
CA ILE A 417 12.98 15.78 5.81
C ILE A 417 13.77 14.72 6.56
N PRO A 418 13.45 14.48 7.83
CA PRO A 418 14.29 13.57 8.63
C PRO A 418 13.97 12.10 8.38
N ILE A 419 14.97 11.26 8.61
CA ILE A 419 14.77 9.82 8.67
C ILE A 419 14.44 9.50 10.12
N ASP A 420 13.16 9.22 10.39
CA ASP A 420 12.69 9.06 11.75
C ASP A 420 12.68 7.61 12.18
N MET A 421 12.75 6.68 11.22
CA MET A 421 12.77 5.26 11.51
C MET A 421 13.69 4.58 10.50
N LEU A 422 14.22 3.44 10.91
CA LEU A 422 15.18 2.69 10.10
C LEU A 422 14.99 1.21 10.38
N SER A 423 14.81 0.41 9.32
CA SER A 423 14.74 -1.05 9.42
C SER A 423 16.06 -1.65 8.98
N THR A 424 16.61 -2.53 9.80
CA THR A 424 17.89 -3.18 9.52
C THR A 424 17.75 -4.69 9.39
N GLY A 425 16.53 -5.20 9.30
CA GLY A 425 16.32 -6.63 9.14
C GLY A 425 14.85 -6.94 8.98
N PRO A 426 14.52 -8.17 8.61
CA PRO A 426 13.11 -8.50 8.38
C PRO A 426 12.29 -8.64 9.66
N GLU A 427 12.92 -8.93 10.80
CA GLU A 427 12.16 -9.11 12.04
C GLU A 427 11.58 -7.77 12.47
N ARG A 428 10.34 -7.84 12.98
CA ARG A 428 9.60 -6.61 13.31
C ARG A 428 10.42 -5.69 14.20
N ASP A 429 11.18 -6.26 15.13
CA ASP A 429 11.92 -5.47 16.11
C ASP A 429 13.32 -5.05 15.64
N SER A 430 13.81 -5.55 14.50
CA SER A 430 15.02 -5.00 13.91
C SER A 430 14.71 -3.63 13.29
N THR A 431 14.33 -2.67 14.12
CA THR A 431 13.84 -1.37 13.70
C THR A 431 14.30 -0.36 14.72
N ILE A 432 14.89 0.73 14.26
CA ILE A 432 15.27 1.84 15.11
C ILE A 432 14.22 2.92 14.96
N THR A 433 13.61 3.35 16.07
CA THR A 433 12.68 4.48 16.00
C THR A 433 13.39 5.72 16.55
N LEU A 434 13.78 6.60 15.65
CA LEU A 434 14.44 7.84 16.09
C LEU A 434 13.43 8.86 16.60
N ARG A 435 12.26 8.92 15.99
CA ARG A 435 11.16 9.76 16.47
C ARG A 435 9.89 9.00 16.12
N GLY A 436 9.03 8.81 17.10
CA GLY A 436 7.81 8.07 16.88
C GLY A 436 6.79 8.89 16.11
N PRO A 437 6.16 8.30 15.10
CA PRO A 437 5.11 9.05 14.37
C PRO A 437 3.96 9.47 15.26
N PHE A 438 3.69 8.76 16.37
CA PHE A 438 2.57 9.11 17.23
C PHE A 438 2.97 10.07 18.37
N LEU A 439 4.17 10.63 18.30
CA LEU A 439 4.67 11.63 19.26
C LEU A 439 3.80 12.87 19.34
#